data_6G1J
#
_entry.id   6G1J
#
_cell.length_a   69.670
_cell.length_b   69.670
_cell.length_c   186.430
_cell.angle_alpha   90.00
_cell.angle_beta   90.00
_cell.angle_gamma   90.00
#
_symmetry.space_group_name_H-M   'P 43 21 2'
#
loop_
_entity.id
_entity.type
_entity.pdbx_description
1 polymer 'Parathion hydrolase'
2 non-polymer 'FORMIC ACID'
3 non-polymer 'ZINC ION'
4 non-polymer IMIDAZOLE
5 non-polymer GLYCEROL
6 non-polymer 'SULFATE ION'
7 non-polymer 1-ethyl-1-methyl-cyclohexane
8 water water
#
_entity_poly.entity_id   1
_entity_poly.type   'polypeptide(L)'
_entity_poly.pdbx_seq_one_letter_code
;GDRINTVRGPITISEAGFTLTHEHICGSSAGFLRAWPEFFGSRAALVEKAVRGLRRARAAGVRTIVDVSTFDIGRDVSLL
AEVSRAADVHIVAATGLWEDPPLSMRLRSVEELTQFFLREIQYGIEDTGIRAGIIKVATNGKATPFQELVLRAAARASLA
TGVPVTTHTLASQRDGEQQAAIFESEGLSPSRVCIGHSDDTDDLSYLTALAARGYLIGLDGIPHSAIGLEDNASASALLG
NRSWQTRALLIKALIDQGYMKQILVSNDWLFGFSSYVTNIMDVMDSVNPDGMAFIPLRVIPFLREKGVSNETLAGITVTN
PARFLSPTLRAS
;
_entity_poly.pdbx_strand_id   A
#
loop_
_chem_comp.id
_chem_comp.type
_chem_comp.name
_chem_comp.formula
E8N non-polymer 1-ethyl-1-methyl-cyclohexane 'C9 H18'
FMT non-polymer 'FORMIC ACID' 'C H2 O2'
GOL non-polymer GLYCEROL 'C3 H8 O3'
IMD non-polymer IMIDAZOLE 'C3 H5 N2 1'
SO4 non-polymer 'SULFATE ION' 'O4 S -2'
ZN non-polymer 'ZINC ION' 'Zn 2'
#
# COMPACT_ATOMS: atom_id res chain seq x y z
N GLY A 1 -19.42 -0.68 7.41
CA GLY A 1 -18.93 -2.03 7.00
C GLY A 1 -19.96 -2.80 6.20
N ASP A 2 -20.68 -2.06 5.39
CA ASP A 2 -21.37 -2.61 4.23
C ASP A 2 -20.64 -2.06 2.98
N ARG A 3 -19.81 -0.97 3.08
CA ARG A 3 -19.28 -0.31 1.86
C ARG A 3 -17.83 0.19 2.04
N ILE A 4 -17.05 0.06 0.97
CA ILE A 4 -15.74 0.62 0.85
C ILE A 4 -15.75 1.77 -0.19
N ASN A 5 -15.27 2.93 0.23
CA ASN A 5 -15.04 4.08 -0.68
C ASN A 5 -13.89 3.83 -1.68
N THR A 6 -14.22 4.05 -2.95
CA THR A 6 -13.28 4.04 -4.07
C THR A 6 -13.34 5.36 -4.74
N VAL A 7 -12.43 5.57 -5.68
CA VAL A 7 -12.41 6.84 -6.40
C VAL A 7 -13.59 7.06 -7.29
N ARG A 8 -14.43 6.06 -7.49
CA ARG A 8 -15.72 6.22 -8.22
C ARG A 8 -16.91 5.97 -7.34
N GLY A 9 -16.76 6.08 -6.04
CA GLY A 9 -17.88 5.87 -5.13
C GLY A 9 -17.83 4.58 -4.30
N PRO A 10 -18.85 4.39 -3.47
CA PRO A 10 -18.95 3.22 -2.62
C PRO A 10 -19.08 1.94 -3.41
N ILE A 11 -18.40 0.89 -3.00
CA ILE A 11 -18.68 -0.43 -3.52
C ILE A 11 -18.94 -1.37 -2.34
N THR A 12 -19.56 -2.51 -2.64
CA THR A 12 -19.89 -3.47 -1.62
C THR A 12 -18.64 -4.31 -1.46
N ILE A 13 -18.59 -5.03 -0.37
CA ILE A 13 -17.47 -5.90 -0.03
C ILE A 13 -17.24 -6.98 -1.10
N SER A 14 -18.31 -7.59 -1.63
CA SER A 14 -18.12 -8.61 -2.67
C SER A 14 -17.66 -8.06 -3.99
N GLU A 15 -17.92 -6.77 -4.28
CA GLU A 15 -17.40 -6.15 -5.51
C GLU A 15 -15.88 -6.01 -5.48
N ALA A 16 -15.29 -5.92 -4.30
CA ALA A 16 -13.84 -5.69 -4.22
C ALA A 16 -13.07 -6.80 -4.93
N GLY A 17 -13.49 -8.06 -4.74
CA GLY A 17 -12.81 -9.18 -5.38
C GLY A 17 -11.33 -9.22 -4.97
N PHE A 18 -10.52 -9.81 -5.85
CA PHE A 18 -9.09 -9.96 -5.68
C PHE A 18 -8.49 -8.53 -5.59
N THR A 19 -7.82 -8.21 -4.48
CA THR A 19 -7.44 -6.86 -4.17
C THR A 19 -5.95 -6.83 -3.84
N LEU A 20 -5.24 -5.91 -4.48
CA LEU A 20 -3.85 -5.66 -4.19
C LEU A 20 -3.86 -4.49 -3.21
N THR A 21 -3.28 -4.68 -2.02
CA THR A 21 -3.48 -3.72 -0.91
C THR A 21 -2.45 -2.64 -0.74
N HIS A 22 -1.42 -2.66 -1.56
CA HIS A 22 -0.36 -1.63 -1.52
C HIS A 22 0.22 -1.42 -2.92
N GLU A 23 -0.30 -0.40 -3.61
CA GLU A 23 0.12 -0.01 -4.93
C GLU A 23 0.09 1.49 -5.12
N HIS A 24 0.59 1.92 -6.28
CA HIS A 24 0.58 3.32 -6.66
C HIS A 24 0.32 3.43 -8.17
N ILE A 25 -0.53 4.37 -8.56
CA ILE A 25 -0.55 4.79 -9.95
C ILE A 25 0.73 5.60 -10.21
N CYS A 26 1.02 6.56 -9.34
CA CYS A 26 2.23 7.40 -9.53
C CYS A 26 2.85 7.74 -8.22
N GLY A 27 4.13 7.50 -8.08
CA GLY A 27 4.82 7.85 -6.85
C GLY A 27 5.49 9.19 -7.09
N SER A 28 4.93 10.27 -6.54
CA SER A 28 5.43 11.61 -6.89
C SER A 28 5.48 12.49 -5.61
N SER A 29 5.13 13.75 -5.75
CA SER A 29 5.14 14.75 -4.65
C SER A 29 3.98 15.69 -4.93
N ALA A 30 3.43 16.27 -3.88
CA ALA A 30 2.24 17.11 -4.05
C ALA A 30 2.52 18.25 -5.04
N GLY A 31 1.58 18.51 -5.92
CA GLY A 31 1.70 19.53 -6.94
C GLY A 31 2.59 19.17 -8.16
N PHE A 32 3.38 18.10 -8.09
CA PHE A 32 4.47 17.92 -9.03
C PHE A 32 3.94 17.55 -10.41
N LEU A 33 2.96 16.64 -10.46
CA LEU A 33 2.37 16.25 -11.75
C LEU A 33 1.67 17.39 -12.51
N ARG A 34 0.92 18.21 -11.78
CA ARG A 34 0.37 19.43 -12.36
C ARG A 34 1.45 20.44 -12.81
N ALA A 35 2.53 20.61 -12.03
CA ALA A 35 3.54 21.63 -12.40
C ALA A 35 4.52 21.21 -13.49
N TRP A 36 4.73 19.91 -13.64
CA TRP A 36 5.81 19.39 -14.46
C TRP A 36 5.40 18.05 -15.07
N PRO A 37 4.29 18.05 -15.80
CA PRO A 37 3.80 16.83 -16.39
C PRO A 37 4.80 16.21 -17.38
N GLU A 38 5.67 17.01 -17.98
CA GLU A 38 6.61 16.51 -19.01
C GLU A 38 7.64 15.60 -18.41
N PHE A 39 7.88 15.70 -17.10
CA PHE A 39 8.74 14.75 -16.42
C PHE A 39 8.30 13.31 -16.74
N PHE A 40 7.02 13.10 -16.87
CA PHE A 40 6.48 11.80 -17.17
C PHE A 40 6.20 11.57 -18.66
N GLY A 41 6.83 12.37 -19.55
CA GLY A 41 6.53 12.40 -20.98
C GLY A 41 5.42 13.41 -21.11
N SER A 42 4.26 12.99 -20.69
CA SER A 42 3.10 13.83 -20.60
C SER A 42 2.15 13.20 -19.62
N ARG A 43 1.20 13.99 -19.16
CA ARG A 43 0.08 13.46 -18.37
C ARG A 43 -0.65 12.34 -19.11
N ALA A 44 -0.90 12.51 -20.40
CA ALA A 44 -1.68 11.56 -21.18
C ALA A 44 -0.95 10.26 -21.30
N ALA A 45 0.37 10.32 -21.50
CA ALA A 45 1.23 9.12 -21.52
C ALA A 45 1.26 8.34 -20.18
N LEU A 46 1.27 9.06 -19.06
CA LEU A 46 1.15 8.40 -17.78
C LEU A 46 -0.22 7.68 -17.65
N VAL A 47 -1.28 8.36 -18.01
CA VAL A 47 -2.62 7.78 -18.01
C VAL A 47 -2.63 6.48 -18.82
N GLU A 48 -2.05 6.50 -20.01
CA GLU A 48 -2.13 5.37 -20.95
C GLU A 48 -1.37 4.21 -20.40
N LYS A 49 -0.16 4.45 -19.90
CA LYS A 49 0.65 3.40 -19.31
C LYS A 49 -0.07 2.78 -18.11
N ALA A 50 -0.72 3.59 -17.32
CA ALA A 50 -1.42 3.07 -16.16
C ALA A 50 -2.66 2.23 -16.57
N VAL A 51 -3.42 2.74 -17.56
CA VAL A 51 -4.56 2.03 -18.06
C VAL A 51 -4.13 0.67 -18.62
N ARG A 52 -3.12 0.63 -19.44
CA ARG A 52 -2.68 -0.65 -19.97
C ARG A 52 -2.22 -1.59 -18.87
N GLY A 53 -1.45 -1.05 -17.92
CA GLY A 53 -1.01 -1.86 -16.79
C GLY A 53 -2.18 -2.43 -15.98
N LEU A 54 -3.18 -1.61 -15.69
CA LEU A 54 -4.27 -2.09 -14.86
C LEU A 54 -5.16 -3.10 -15.68
N ARG A 55 -5.23 -2.89 -16.99
CA ARG A 55 -5.93 -3.86 -17.83
C ARG A 55 -5.27 -5.22 -17.85
N ARG A 56 -3.97 -5.28 -17.95
CA ARG A 56 -3.25 -6.56 -17.80
C ARG A 56 -3.47 -7.17 -16.42
N ALA A 57 -3.45 -6.34 -15.37
CA ALA A 57 -3.71 -6.86 -14.06
C ALA A 57 -5.13 -7.45 -13.98
N ARG A 58 -6.11 -6.72 -14.51
CA ARG A 58 -7.48 -7.18 -14.50
C ARG A 58 -7.60 -8.53 -15.24
N ALA A 59 -6.89 -8.66 -16.38
CA ALA A 59 -7.03 -9.91 -17.18
C ALA A 59 -6.40 -11.05 -16.38
N ALA A 60 -5.39 -10.78 -15.54
CA ALA A 60 -4.85 -11.82 -14.62
C ALA A 60 -5.68 -12.07 -13.36
N GLY A 61 -6.82 -11.38 -13.13
CA GLY A 61 -7.75 -11.64 -12.04
C GLY A 61 -7.92 -10.49 -11.05
N VAL A 62 -7.10 -9.43 -11.13
CA VAL A 62 -7.18 -8.31 -10.14
C VAL A 62 -8.48 -7.55 -10.39
N ARG A 63 -9.22 -7.23 -9.32
CA ARG A 63 -10.40 -6.40 -9.45
C ARG A 63 -10.31 -5.02 -8.78
N THR A 64 -9.45 -4.89 -7.76
CA THR A 64 -9.32 -3.68 -6.99
C THR A 64 -7.86 -3.51 -6.64
N ILE A 65 -7.35 -2.27 -6.67
CA ILE A 65 -6.11 -1.94 -5.98
C ILE A 65 -6.36 -0.85 -4.98
N VAL A 66 -5.54 -0.84 -3.95
CA VAL A 66 -5.50 0.19 -2.95
C VAL A 66 -4.25 1.00 -3.29
N ASP A 67 -4.49 2.22 -3.74
CA ASP A 67 -3.43 3.17 -4.06
C ASP A 67 -3.09 3.87 -2.75
N VAL A 68 -1.95 3.52 -2.18
CA VAL A 68 -1.59 4.07 -0.86
C VAL A 68 -0.75 5.36 -0.99
N SER A 69 -0.97 6.08 -2.08
CA SER A 69 -0.32 7.35 -2.24
C SER A 69 -1.06 8.36 -1.36
N THR A 70 -0.32 9.01 -0.49
CA THR A 70 -0.81 10.17 0.26
C THR A 70 -0.68 11.51 -0.46
N PHE A 71 -1.16 12.56 0.18
CA PHE A 71 -0.81 13.98 -0.13
C PHE A 71 0.65 14.17 -0.59
N ASP A 72 1.61 13.70 0.23
CA ASP A 72 3.02 13.98 -0.03
C ASP A 72 3.67 13.01 -1.00
N ILE A 73 2.93 11.99 -1.41
CA ILE A 73 3.30 11.17 -2.56
C ILE A 73 2.67 11.74 -3.79
N GLY A 74 2.00 12.89 -3.68
CA GLY A 74 1.45 13.55 -4.83
C GLY A 74 0.25 12.86 -5.42
N ARG A 75 -0.51 12.21 -4.55
CA ARG A 75 -1.77 11.57 -4.90
C ARG A 75 -2.65 12.54 -5.68
N ASP A 76 -3.13 12.09 -6.86
CA ASP A 76 -4.02 12.88 -7.70
C ASP A 76 -5.27 12.06 -7.96
N VAL A 77 -6.29 12.27 -7.10
CA VAL A 77 -7.44 11.40 -7.17
C VAL A 77 -8.18 11.52 -8.49
N SER A 78 -8.06 12.65 -9.22
N SER A 78 -8.09 12.67 -9.19
CA SER A 78 -8.72 12.72 -10.53
CA SER A 78 -8.76 12.75 -10.50
C SER A 78 -8.03 11.81 -11.50
C SER A 78 -8.04 11.85 -11.52
N LEU A 79 -6.72 11.76 -11.41
CA LEU A 79 -5.94 10.80 -12.21
C LEU A 79 -6.36 9.33 -11.90
N LEU A 80 -6.47 9.02 -10.60
CA LEU A 80 -6.91 7.70 -10.18
C LEU A 80 -8.31 7.33 -10.75
N ALA A 81 -9.26 8.27 -10.64
CA ALA A 81 -10.66 8.06 -11.17
C ALA A 81 -10.66 7.82 -12.65
N GLU A 82 -9.90 8.62 -13.38
CA GLU A 82 -9.76 8.47 -14.81
C GLU A 82 -9.20 7.08 -15.19
N VAL A 83 -8.11 6.71 -14.54
CA VAL A 83 -7.49 5.44 -14.78
C VAL A 83 -8.45 4.29 -14.40
N SER A 84 -9.08 4.39 -13.23
CA SER A 84 -9.98 3.38 -12.73
C SER A 84 -11.18 3.12 -13.70
N ARG A 85 -11.79 4.20 -14.21
CA ARG A 85 -12.90 4.15 -15.18
C ARG A 85 -12.39 3.46 -16.49
N ALA A 86 -11.20 3.83 -17.02
CA ALA A 86 -10.79 3.27 -18.30
C ALA A 86 -10.34 1.81 -18.17
N ALA A 87 -9.80 1.41 -17.01
CA ALA A 87 -9.30 0.05 -16.87
C ALA A 87 -10.31 -0.90 -16.29
N ASP A 88 -11.43 -0.37 -15.80
CA ASP A 88 -12.44 -1.14 -15.12
C ASP A 88 -11.81 -1.94 -13.92
N VAL A 89 -10.98 -1.21 -13.16
CA VAL A 89 -10.40 -1.70 -11.90
C VAL A 89 -10.74 -0.69 -10.83
N HIS A 90 -11.35 -1.13 -9.74
CA HIS A 90 -11.60 -0.28 -8.61
C HIS A 90 -10.26 0.21 -7.98
N ILE A 91 -10.28 1.47 -7.55
CA ILE A 91 -9.11 2.03 -6.85
C ILE A 91 -9.57 2.63 -5.54
N VAL A 92 -9.01 2.14 -4.43
CA VAL A 92 -9.24 2.80 -3.12
C VAL A 92 -8.14 3.82 -2.95
N ALA A 93 -8.50 5.05 -2.59
CA ALA A 93 -7.51 6.12 -2.31
C ALA A 93 -7.20 6.19 -0.84
N ALA A 94 -6.09 6.86 -0.53
CA ALA A 94 -5.56 6.95 0.81
C ALA A 94 -5.55 8.41 1.27
N THR A 95 -5.61 8.59 2.60
CA THR A 95 -5.18 9.82 3.26
C THR A 95 -3.95 9.45 4.07
N GLY A 96 -3.57 10.34 5.00
CA GLY A 96 -2.37 10.15 5.81
C GLY A 96 -1.17 10.92 5.26
N LEU A 97 0.01 10.63 5.82
CA LEU A 97 1.28 11.24 5.42
C LEU A 97 2.37 10.19 5.38
N TRP A 98 3.14 10.25 4.30
CA TRP A 98 4.30 9.36 4.11
C TRP A 98 5.58 10.10 4.58
N GLU A 99 6.73 9.80 4.03
CA GLU A 99 7.99 10.28 4.55
C GLU A 99 8.43 11.64 4.03
N ASP A 100 7.63 12.32 3.22
CA ASP A 100 8.06 13.62 2.69
C ASP A 100 7.07 14.77 2.94
N PRO A 101 6.54 14.93 4.18
CA PRO A 101 5.58 15.96 4.36
C PRO A 101 6.23 17.32 4.23
N PRO A 102 5.52 18.28 3.69
CA PRO A 102 6.16 19.61 3.60
C PRO A 102 5.99 20.35 4.96
N LEU A 103 6.60 21.52 5.09
CA LEU A 103 6.47 22.32 6.29
C LEU A 103 5.04 22.61 6.80
N SER A 104 4.10 22.79 5.86
CA SER A 104 2.71 23.13 6.21
C SER A 104 2.02 21.96 6.92
N MET A 105 2.51 20.74 6.71
CA MET A 105 2.12 19.56 7.48
C MET A 105 2.96 19.32 8.72
N ARG A 106 4.28 19.43 8.60
CA ARG A 106 5.22 19.11 9.72
C ARG A 106 5.05 20.01 10.94
N LEU A 107 4.49 21.21 10.76
CA LEU A 107 4.31 22.14 11.88
C LEU A 107 2.95 21.90 12.60
N ARG A 108 2.15 20.93 12.16
CA ARG A 108 0.82 20.74 12.69
C ARG A 108 0.80 19.88 13.95
N SER A 109 -0.23 20.14 14.75
CA SER A 109 -0.49 19.33 15.95
C SER A 109 -1.21 18.02 15.63
N VAL A 110 -1.24 17.12 16.61
CA VAL A 110 -2.04 15.89 16.49
C VAL A 110 -3.51 16.11 16.17
N GLU A 111 -4.09 17.12 16.79
CA GLU A 111 -5.48 17.48 16.57
C GLU A 111 -5.70 18.00 15.15
N GLU A 112 -4.79 18.88 14.70
CA GLU A 112 -4.87 19.45 13.33
C GLU A 112 -4.78 18.33 12.28
N LEU A 113 -3.79 17.45 12.48
CA LEU A 113 -3.64 16.35 11.59
C LEU A 113 -4.88 15.46 11.55
N THR A 114 -5.47 15.19 12.72
CA THR A 114 -6.67 14.34 12.78
C THR A 114 -7.75 14.99 11.96
N GLN A 115 -7.90 16.33 12.05
CA GLN A 115 -8.90 17.02 11.26
C GLN A 115 -8.61 16.82 9.77
N PHE A 116 -7.36 16.94 9.39
CA PHE A 116 -7.02 16.73 7.95
C PHE A 116 -7.34 15.32 7.45
N PHE A 117 -6.96 14.30 8.21
CA PHE A 117 -7.27 12.92 7.78
C PHE A 117 -8.77 12.69 7.73
N LEU A 118 -9.46 13.17 8.76
CA LEU A 118 -10.92 13.10 8.77
C LEU A 118 -11.56 13.81 7.59
N ARG A 119 -11.00 14.94 7.16
CA ARG A 119 -11.54 15.60 5.99
C ARG A 119 -11.53 14.69 4.77
N GLU A 120 -10.41 13.99 4.61
CA GLU A 120 -10.17 13.25 3.40
C GLU A 120 -10.98 11.95 3.38
N ILE A 121 -11.27 11.43 4.57
CA ILE A 121 -12.10 10.25 4.77
C ILE A 121 -13.60 10.59 4.74
N GLN A 122 -14.02 11.66 5.40
CA GLN A 122 -15.45 11.85 5.70
C GLN A 122 -16.11 12.87 4.79
N TYR A 123 -15.33 13.75 4.15
CA TYR A 123 -15.86 14.81 3.31
C TYR A 123 -15.42 14.68 1.88
N GLY A 124 -14.13 14.72 1.66
CA GLY A 124 -13.61 14.52 0.34
C GLY A 124 -12.21 15.03 0.22
N ILE A 125 -11.51 14.58 -0.83
CA ILE A 125 -10.13 14.98 -1.13
C ILE A 125 -10.22 16.18 -2.06
N GLU A 126 -9.59 17.27 -1.63
CA GLU A 126 -9.60 18.54 -2.33
C GLU A 126 -11.09 18.98 -2.54
N ASP A 127 -11.43 19.41 -3.75
CA ASP A 127 -12.82 19.68 -4.15
C ASP A 127 -13.48 18.53 -4.94
N THR A 128 -12.98 17.29 -4.85
CA THR A 128 -13.46 16.25 -5.74
C THR A 128 -14.64 15.48 -5.17
N GLY A 129 -14.89 15.56 -3.89
CA GLY A 129 -15.84 14.65 -3.29
C GLY A 129 -15.40 13.17 -3.19
N ILE A 130 -14.23 12.81 -3.71
CA ILE A 130 -13.68 11.46 -3.54
C ILE A 130 -13.11 11.26 -2.11
N ARG A 131 -13.54 10.18 -1.46
CA ARG A 131 -13.15 9.91 -0.09
C ARG A 131 -12.14 8.77 0.02
N ALA A 132 -11.18 8.94 0.91
CA ALA A 132 -10.12 7.92 1.15
C ALA A 132 -10.78 6.74 1.86
N GLY A 133 -10.33 5.53 1.56
CA GLY A 133 -10.79 4.29 2.17
C GLY A 133 -9.70 3.69 3.03
N ILE A 134 -8.59 4.41 3.22
CA ILE A 134 -7.46 3.87 4.01
C ILE A 134 -6.57 5.04 4.42
N ILE A 135 -5.84 4.88 5.53
CA ILE A 135 -4.93 5.92 6.06
C ILE A 135 -3.51 5.34 6.00
N LYS A 136 -2.60 6.05 5.32
CA LYS A 136 -1.21 5.61 5.12
C LYS A 136 -0.29 6.47 5.99
N VAL A 137 0.64 5.83 6.70
CA VAL A 137 1.60 6.52 7.52
C VAL A 137 2.96 5.89 7.33
N ALA A 138 4.01 6.51 7.93
CA ALA A 138 5.37 6.09 7.69
C ALA A 138 6.37 6.44 8.76
N THR A 139 7.32 5.53 8.95
CA THR A 139 8.57 5.80 9.66
C THR A 139 9.66 5.17 8.87
N ASN A 140 10.88 5.60 9.15
CA ASN A 140 12.06 4.94 8.55
C ASN A 140 13.10 4.85 9.66
N GLY A 141 12.96 3.89 10.54
CA GLY A 141 13.70 3.85 11.81
C GLY A 141 12.78 4.48 12.88
N LYS A 142 13.40 4.85 14.01
CA LYS A 142 12.79 5.52 15.13
C LYS A 142 11.98 6.72 14.61
N ALA A 143 10.73 6.81 15.01
CA ALA A 143 9.87 7.88 14.54
C ALA A 143 10.44 9.23 14.96
N THR A 144 10.33 10.20 14.06
CA THR A 144 10.61 11.57 14.43
C THR A 144 9.43 12.03 15.30
N PRO A 145 9.60 13.16 16.02
CA PRO A 145 8.49 13.67 16.82
C PRO A 145 7.23 13.89 15.95
N PHE A 146 7.39 14.41 14.72
CA PHE A 146 6.22 14.65 13.86
C PHE A 146 5.58 13.32 13.45
N GLN A 147 6.39 12.32 13.11
CA GLN A 147 5.84 11.03 12.72
C GLN A 147 5.03 10.43 13.86
N GLU A 148 5.42 10.67 15.11
CA GLU A 148 4.59 10.18 16.21
C GLU A 148 3.19 10.85 16.21
N LEU A 149 3.14 12.14 15.94
CA LEU A 149 1.86 12.83 15.81
C LEU A 149 1.03 12.26 14.66
N VAL A 150 1.71 11.96 13.54
CA VAL A 150 1.02 11.34 12.40
C VAL A 150 0.35 10.00 12.77
N LEU A 151 1.12 9.14 13.45
CA LEU A 151 0.63 7.80 13.81
C LEU A 151 -0.55 7.93 14.77
N ARG A 152 -0.46 8.87 15.71
CA ARG A 152 -1.56 9.13 16.64
C ARG A 152 -2.82 9.63 15.96
N ALA A 153 -2.65 10.59 15.09
CA ALA A 153 -3.76 11.14 14.31
C ALA A 153 -4.36 10.09 13.41
N ALA A 154 -3.54 9.26 12.77
CA ALA A 154 -4.08 8.11 12.01
C ALA A 154 -4.95 7.22 12.91
N ALA A 155 -4.47 6.88 14.10
CA ALA A 155 -5.24 6.10 15.03
C ALA A 155 -6.59 6.80 15.36
N ARG A 156 -6.51 8.09 15.65
CA ARG A 156 -7.74 8.83 15.99
C ARG A 156 -8.73 8.86 14.84
N ALA A 157 -8.24 9.04 13.61
CA ALA A 157 -9.10 9.05 12.47
C ALA A 157 -9.76 7.66 12.27
N SER A 158 -8.95 6.63 12.48
CA SER A 158 -9.44 5.27 12.31
C SER A 158 -10.54 4.95 13.36
N LEU A 159 -10.28 5.35 14.60
CA LEU A 159 -11.22 5.22 15.70
C LEU A 159 -12.56 5.94 15.50
N ALA A 160 -12.54 7.07 14.80
CA ALA A 160 -13.77 7.77 14.46
C ALA A 160 -14.52 7.16 13.28
N THR A 161 -13.84 6.49 12.35
CA THR A 161 -14.47 6.14 11.08
C THR A 161 -14.48 4.64 10.80
N GLY A 162 -13.64 3.86 11.47
CA GLY A 162 -13.51 2.45 11.09
C GLY A 162 -12.61 2.13 9.91
N VAL A 163 -12.04 3.16 9.26
CA VAL A 163 -11.20 2.96 8.11
C VAL A 163 -9.84 2.47 8.63
N PRO A 164 -9.24 1.47 7.93
CA PRO A 164 -7.99 0.95 8.40
C PRO A 164 -6.76 1.88 8.18
N VAL A 165 -5.70 1.54 8.90
CA VAL A 165 -4.38 2.17 8.76
C VAL A 165 -3.38 1.18 8.14
N THR A 166 -2.53 1.67 7.23
CA THR A 166 -1.48 0.88 6.66
C THR A 166 -0.18 1.66 6.73
N THR A 167 0.93 0.97 6.92
CA THR A 167 2.17 1.64 7.22
C THR A 167 3.35 1.32 6.27
N HIS A 168 4.22 2.32 6.14
CA HIS A 168 5.57 2.18 5.57
C HIS A 168 6.50 1.97 6.77
N THR A 169 7.33 0.92 6.69
CA THR A 169 8.43 0.75 7.62
C THR A 169 9.79 0.70 6.94
N LEU A 170 10.83 0.90 7.74
CA LEU A 170 12.18 0.40 7.44
C LEU A 170 12.24 -0.90 8.21
N ALA A 171 11.94 -2.02 7.54
CA ALA A 171 11.66 -3.30 8.22
C ALA A 171 12.88 -3.82 8.99
N SER A 172 14.07 -3.57 8.46
CA SER A 172 15.31 -3.97 9.14
C SER A 172 15.50 -3.26 10.52
N GLN A 173 14.82 -2.12 10.76
CA GLN A 173 14.88 -1.47 12.06
C GLN A 173 13.68 -1.88 12.94
N ARG A 174 12.87 -2.84 12.47
CA ARG A 174 11.70 -3.35 13.20
C ARG A 174 10.71 -2.27 13.60
N ASP A 175 10.47 -1.31 12.70
CA ASP A 175 9.70 -0.11 13.08
C ASP A 175 8.24 -0.49 13.53
N GLY A 176 7.69 -1.57 12.97
CA GLY A 176 6.38 -2.07 13.39
C GLY A 176 6.15 -2.10 14.89
N GLU A 177 7.21 -2.41 15.67
CA GLU A 177 7.14 -2.46 17.16
C GLU A 177 6.79 -1.07 17.72
N GLN A 178 7.51 -0.04 17.25
CA GLN A 178 7.22 1.32 17.73
C GLN A 178 5.85 1.78 17.18
N GLN A 179 5.53 1.42 15.94
CA GLN A 179 4.26 1.84 15.34
C GLN A 179 3.09 1.28 16.17
N ALA A 180 3.19 0.00 16.39
CA ALA A 180 2.24 -0.73 17.22
C ALA A 180 2.09 -0.13 18.64
N ALA A 181 3.19 0.16 19.31
CA ALA A 181 3.09 0.77 20.65
C ALA A 181 2.36 2.14 20.60
N ILE A 182 2.66 2.97 19.60
CA ILE A 182 1.94 4.25 19.49
C ILE A 182 0.47 4.06 19.16
N PHE A 183 0.14 3.23 18.17
CA PHE A 183 -1.26 2.96 17.84
C PHE A 183 -2.02 2.44 19.04
N GLU A 184 -1.44 1.49 19.75
CA GLU A 184 -2.07 0.93 20.97
C GLU A 184 -2.26 1.94 22.10
N SER A 185 -1.35 2.89 22.24
CA SER A 185 -1.46 3.89 23.28
C SER A 185 -2.63 4.81 22.96
N GLU A 186 -3.06 4.92 21.69
CA GLU A 186 -4.27 5.66 21.35
C GLU A 186 -5.51 4.79 21.38
N GLY A 187 -5.37 3.51 21.66
CA GLY A 187 -6.56 2.65 21.76
C GLY A 187 -6.94 1.96 20.46
N LEU A 188 -6.06 1.96 19.44
CA LEU A 188 -6.44 1.39 18.18
C LEU A 188 -6.30 -0.14 18.23
N SER A 189 -7.26 -0.84 17.68
CA SER A 189 -7.20 -2.27 17.51
C SER A 189 -6.18 -2.67 16.46
N PRO A 190 -5.26 -3.61 16.80
CA PRO A 190 -4.33 -4.11 15.80
C PRO A 190 -5.02 -4.68 14.51
N SER A 191 -6.23 -5.18 14.63
CA SER A 191 -6.93 -5.75 13.46
C SER A 191 -7.32 -4.63 12.44
N ARG A 192 -7.16 -3.37 12.79
CA ARG A 192 -7.33 -2.26 11.83
C ARG A 192 -6.02 -1.76 11.19
N VAL A 193 -4.90 -2.49 11.39
CA VAL A 193 -3.59 -2.00 11.02
C VAL A 193 -2.83 -3.06 10.25
N CYS A 194 -2.26 -2.62 9.13
CA CYS A 194 -1.32 -3.40 8.34
C CYS A 194 0.05 -2.80 8.46
N ILE A 195 1.01 -3.60 8.98
CA ILE A 195 2.41 -3.16 9.05
C ILE A 195 3.08 -3.56 7.72
N GLY A 196 3.33 -2.55 6.87
CA GLY A 196 3.79 -2.77 5.50
C GLY A 196 5.31 -2.82 5.34
N HIS A 197 5.71 -3.15 4.13
CA HIS A 197 7.10 -3.47 3.76
C HIS A 197 7.69 -4.55 4.65
N SER A 198 6.84 -5.43 5.20
CA SER A 198 7.30 -6.44 6.12
C SER A 198 8.07 -7.61 5.40
N ASP A 199 7.93 -7.73 4.08
CA ASP A 199 8.72 -8.64 3.24
C ASP A 199 10.15 -8.15 2.96
N ASP A 200 10.51 -6.96 3.47
CA ASP A 200 11.85 -6.46 3.33
C ASP A 200 12.76 -7.12 4.36
N THR A 201 12.24 -7.91 5.30
CA THR A 201 13.09 -8.50 6.37
C THR A 201 12.83 -10.00 6.36
N ASP A 202 13.81 -10.77 6.84
CA ASP A 202 13.67 -12.19 7.09
C ASP A 202 13.52 -12.52 8.57
N ASP A 203 13.35 -11.51 9.42
CA ASP A 203 13.27 -11.71 10.82
C ASP A 203 11.83 -12.21 11.23
N LEU A 204 11.72 -13.51 11.40
CA LEU A 204 10.49 -14.15 11.88
C LEU A 204 10.08 -13.82 13.27
N SER A 205 11.04 -13.51 14.15
N SER A 205 11.04 -13.54 14.17
CA SER A 205 10.75 -13.13 15.54
CA SER A 205 10.66 -13.16 15.51
C SER A 205 10.02 -11.74 15.65
C SER A 205 9.86 -11.83 15.46
N TYR A 206 10.39 -10.85 14.72
CA TYR A 206 9.72 -9.55 14.49
C TYR A 206 8.37 -9.71 13.82
N LEU A 207 8.33 -10.47 12.70
CA LEU A 207 7.05 -10.65 12.01
C LEU A 207 6.01 -11.35 12.89
N THR A 208 6.43 -12.40 13.60
CA THR A 208 5.46 -13.12 14.46
C THR A 208 5.07 -12.36 15.69
N ALA A 209 5.95 -11.57 16.27
CA ALA A 209 5.56 -10.69 17.38
C ALA A 209 4.44 -9.71 16.99
N LEU A 210 4.52 -9.14 15.79
CA LEU A 210 3.38 -8.32 15.26
C LEU A 210 2.10 -9.15 15.01
N ALA A 211 2.24 -10.27 14.31
CA ALA A 211 1.09 -11.06 13.98
C ALA A 211 0.44 -11.63 15.24
N ALA A 212 1.23 -12.04 16.22
CA ALA A 212 0.67 -12.59 17.46
C ALA A 212 -0.27 -11.63 18.17
N ARG A 213 0.02 -10.34 18.09
CA ARG A 213 -0.82 -9.39 18.77
C ARG A 213 -2.02 -8.89 17.87
N GLY A 214 -2.17 -9.39 16.67
CA GLY A 214 -3.37 -9.14 15.89
C GLY A 214 -3.11 -8.27 14.65
N TYR A 215 -1.89 -7.75 14.45
CA TYR A 215 -1.60 -6.93 13.23
C TYR A 215 -1.71 -7.73 11.93
N LEU A 216 -2.15 -7.04 10.86
CA LEU A 216 -1.97 -7.58 9.53
C LEU A 216 -0.55 -7.28 9.07
N ILE A 217 0.00 -8.21 8.30
CA ILE A 217 1.36 -8.14 7.83
C ILE A 217 1.38 -7.91 6.31
N GLY A 218 1.92 -6.75 5.89
CA GLY A 218 2.03 -6.35 4.49
C GLY A 218 3.27 -6.89 3.83
N LEU A 219 3.11 -7.99 3.10
CA LEU A 219 4.18 -8.61 2.30
C LEU A 219 3.94 -8.05 0.89
N ASP A 220 4.37 -6.80 0.71
CA ASP A 220 3.79 -5.89 -0.30
C ASP A 220 4.73 -5.47 -1.40
N GLY A 221 5.97 -5.93 -1.35
CA GLY A 221 6.97 -5.58 -2.34
C GLY A 221 7.57 -6.80 -3.06
N ILE A 222 6.75 -7.82 -3.33
CA ILE A 222 7.31 -9.14 -3.75
C ILE A 222 8.28 -9.07 -5.00
N PRO A 223 7.94 -8.33 -6.08
CA PRO A 223 8.88 -8.22 -7.20
C PRO A 223 10.02 -7.18 -7.04
N HIS A 224 10.14 -6.53 -5.88
CA HIS A 224 11.27 -5.62 -5.65
C HIS A 224 12.56 -6.44 -5.43
N SER A 225 13.41 -6.43 -6.45
CA SER A 225 14.76 -7.03 -6.32
C SER A 225 15.68 -6.46 -7.40
N ALA A 226 16.91 -6.17 -7.01
CA ALA A 226 17.98 -5.73 -7.92
C ALA A 226 18.92 -6.91 -8.27
N ILE A 227 18.53 -8.17 -8.00
CA ILE A 227 19.42 -9.31 -8.32
C ILE A 227 19.64 -9.30 -9.83
N GLY A 228 20.87 -9.45 -10.26
CA GLY A 228 21.14 -9.39 -11.69
C GLY A 228 20.87 -8.04 -12.31
N LEU A 229 21.05 -6.96 -11.55
CA LEU A 229 21.31 -5.66 -12.10
C LEU A 229 22.73 -5.41 -11.70
N GLU A 230 23.63 -5.63 -12.67
CA GLU A 230 25.07 -5.32 -12.58
C GLU A 230 25.33 -3.81 -12.28
N ASP A 231 26.05 -3.49 -11.19
CA ASP A 231 26.62 -2.14 -10.98
C ASP A 231 25.56 -0.98 -11.06
N ASN A 232 24.38 -1.14 -10.46
CA ASN A 232 23.37 -0.05 -10.36
C ASN A 232 23.07 0.13 -8.87
N ALA A 233 23.83 1.02 -8.26
CA ALA A 233 23.77 1.33 -6.81
C ALA A 233 22.40 1.84 -6.38
N SER A 234 21.78 2.69 -7.21
CA SER A 234 20.54 3.38 -6.81
C SER A 234 19.39 2.33 -6.82
N ALA A 235 19.36 1.49 -7.85
CA ALA A 235 18.40 0.39 -7.92
C ALA A 235 18.60 -0.61 -6.79
N SER A 236 19.87 -0.95 -6.52
CA SER A 236 20.17 -1.76 -5.34
C SER A 236 19.73 -1.21 -4.04
N ALA A 237 20.04 0.04 -3.76
CA ALA A 237 19.63 0.62 -2.46
C ALA A 237 18.07 0.59 -2.33
N LEU A 238 17.34 0.88 -3.41
CA LEU A 238 15.87 0.90 -3.38
C LEU A 238 15.28 -0.53 -3.29
N LEU A 239 15.75 -1.45 -4.16
CA LEU A 239 15.05 -2.71 -4.36
C LEU A 239 15.53 -3.87 -3.46
N GLY A 240 16.78 -3.79 -3.06
CA GLY A 240 17.48 -4.85 -2.29
C GLY A 240 18.04 -5.95 -3.15
N ASN A 241 18.83 -6.84 -2.53
CA ASN A 241 19.46 -7.96 -3.18
C ASN A 241 18.81 -9.28 -2.72
N ARG A 242 17.60 -9.28 -2.14
CA ARG A 242 16.88 -10.55 -1.86
C ARG A 242 15.98 -10.78 -3.06
N SER A 243 15.85 -12.04 -3.46
CA SER A 243 15.03 -12.43 -4.60
C SER A 243 13.55 -12.35 -4.30
N TRP A 244 12.74 -12.19 -5.36
CA TRP A 244 11.29 -12.27 -5.24
C TRP A 244 10.85 -13.59 -4.62
N GLN A 245 11.58 -14.69 -4.93
CA GLN A 245 11.27 -15.96 -4.30
C GLN A 245 11.41 -15.91 -2.80
N THR A 246 12.49 -15.31 -2.33
CA THR A 246 12.69 -15.17 -0.88
C THR A 246 11.56 -14.39 -0.25
N ARG A 247 11.16 -13.30 -0.87
CA ARG A 247 10.04 -12.52 -0.35
C ARG A 247 8.75 -13.33 -0.33
N ALA A 248 8.48 -14.02 -1.43
CA ALA A 248 7.27 -14.78 -1.54
C ALA A 248 7.17 -15.92 -0.53
N LEU A 249 8.31 -16.53 -0.20
CA LEU A 249 8.35 -17.60 0.77
C LEU A 249 7.96 -17.14 2.19
N LEU A 250 8.06 -15.84 2.49
CA LEU A 250 7.49 -15.28 3.69
C LEU A 250 5.99 -15.47 3.75
N ILE A 251 5.29 -15.44 2.62
CA ILE A 251 3.86 -15.68 2.63
C ILE A 251 3.60 -17.12 3.17
N LYS A 252 4.27 -18.09 2.55
CA LYS A 252 4.22 -19.46 3.02
C LYS A 252 4.63 -19.57 4.51
N ALA A 253 5.73 -18.92 4.94
CA ALA A 253 6.15 -19.00 6.36
C ALA A 253 5.02 -18.59 7.32
N LEU A 254 4.35 -17.51 7.01
CA LEU A 254 3.28 -17.00 7.91
C LEU A 254 2.09 -17.92 7.85
N ILE A 255 1.77 -18.47 6.66
CA ILE A 255 0.68 -19.47 6.58
C ILE A 255 0.99 -20.68 7.51
N ASP A 256 2.26 -21.11 7.49
CA ASP A 256 2.69 -22.29 8.24
C ASP A 256 2.67 -22.07 9.76
N GLN A 257 2.66 -20.80 10.16
CA GLN A 257 2.61 -20.42 11.55
C GLN A 257 1.22 -20.13 12.05
N GLY A 258 0.21 -20.31 11.20
CA GLY A 258 -1.16 -20.06 11.59
C GLY A 258 -1.73 -18.70 11.28
N TYR A 259 -1.01 -17.86 10.52
CA TYR A 259 -1.41 -16.48 10.30
C TYR A 259 -2.00 -16.16 8.91
N MET A 260 -2.62 -17.14 8.27
CA MET A 260 -3.07 -16.94 6.90
C MET A 260 -4.10 -15.83 6.78
N LYS A 261 -4.90 -15.63 7.82
CA LYS A 261 -5.91 -14.56 7.81
C LYS A 261 -5.39 -13.15 8.01
N GLN A 262 -4.09 -13.03 8.28
CA GLN A 262 -3.49 -11.76 8.63
C GLN A 262 -2.47 -11.29 7.57
N ILE A 263 -2.38 -12.01 6.46
CA ILE A 263 -1.35 -11.73 5.44
C ILE A 263 -2.06 -10.92 4.37
N LEU A 264 -1.43 -9.81 3.99
CA LEU A 264 -1.84 -9.06 2.80
C LEU A 264 -0.64 -9.00 1.85
N VAL A 265 -0.93 -9.19 0.59
CA VAL A 265 0.09 -9.34 -0.43
C VAL A 265 -0.12 -8.29 -1.53
N SER A 266 1.01 -7.77 -2.02
CA SER A 266 0.99 -6.73 -3.03
C SER A 266 2.37 -6.65 -3.73
N ASN A 267 2.43 -5.80 -4.77
CA ASN A 267 3.63 -5.56 -5.55
C ASN A 267 4.32 -4.28 -5.15
N ASP A 268 3.59 -3.26 -4.61
CA ASP A 268 4.14 -1.94 -4.42
C ASP A 268 4.76 -1.43 -5.76
N TRP A 269 3.96 -1.55 -6.78
CA TRP A 269 4.30 -1.09 -8.11
C TRP A 269 3.73 0.32 -8.37
N LEU A 270 4.15 0.88 -9.50
CA LEU A 270 3.79 2.19 -9.88
C LEU A 270 3.89 2.27 -11.40
N PHE A 271 3.27 3.30 -11.98
CA PHE A 271 3.38 3.57 -13.42
C PHE A 271 4.21 4.80 -13.75
N GLY A 272 4.44 5.63 -12.75
CA GLY A 272 5.36 6.74 -12.77
C GLY A 272 5.99 6.88 -11.41
N PHE A 273 7.16 7.48 -11.35
CA PHE A 273 7.95 7.50 -10.15
C PHE A 273 8.93 8.68 -10.18
N SER A 274 8.58 9.84 -9.65
CA SER A 274 9.43 11.04 -9.74
C SER A 274 10.22 11.27 -8.46
N SER A 275 9.87 10.55 -7.40
CA SER A 275 10.46 10.84 -6.10
C SER A 275 11.75 10.06 -5.89
N TYR A 276 12.33 9.51 -6.95
CA TYR A 276 13.62 8.89 -6.85
C TYR A 276 14.49 9.30 -8.07
N VAL A 277 15.50 8.51 -8.43
CA VAL A 277 16.40 8.88 -9.51
C VAL A 277 15.64 8.81 -10.82
N THR A 278 16.07 9.63 -11.77
CA THR A 278 15.43 9.73 -13.07
C THR A 278 15.54 8.33 -13.73
N ASN A 279 14.52 7.92 -14.43
CA ASN A 279 14.59 6.60 -15.12
C ASN A 279 14.55 5.33 -14.23
N ILE A 280 14.32 5.47 -12.92
CA ILE A 280 13.99 4.32 -12.09
C ILE A 280 12.82 3.51 -12.63
N MET A 281 11.83 4.18 -13.23
CA MET A 281 10.66 3.46 -13.71
C MET A 281 11.06 2.45 -14.80
N ASP A 282 11.97 2.86 -15.67
CA ASP A 282 12.45 1.96 -16.77
C ASP A 282 13.24 0.81 -16.16
N VAL A 283 14.04 1.11 -15.15
CA VAL A 283 14.79 0.02 -14.50
C VAL A 283 13.80 -0.96 -13.85
N MET A 284 12.83 -0.43 -13.12
CA MET A 284 11.84 -1.29 -12.45
C MET A 284 11.03 -2.14 -13.43
N ASP A 285 10.63 -1.56 -14.55
CA ASP A 285 9.84 -2.21 -15.58
C ASP A 285 10.62 -3.34 -16.30
N SER A 286 11.90 -3.16 -16.49
CA SER A 286 12.78 -4.25 -16.97
C SER A 286 12.90 -5.37 -15.93
N VAL A 287 13.00 -5.04 -14.64
CA VAL A 287 13.06 -6.10 -13.65
C VAL A 287 11.74 -6.91 -13.63
N ASN A 288 10.58 -6.25 -13.77
CA ASN A 288 9.28 -6.91 -13.60
C ASN A 288 8.34 -6.37 -14.63
N PRO A 289 8.40 -6.93 -15.87
CA PRO A 289 7.52 -6.48 -16.96
C PRO A 289 6.06 -6.78 -16.72
N ASP A 290 5.74 -7.70 -15.80
CA ASP A 290 4.30 -7.93 -15.46
C ASP A 290 3.68 -6.81 -14.62
N GLY A 291 4.50 -5.97 -14.00
CA GLY A 291 3.97 -4.86 -13.17
C GLY A 291 3.09 -5.39 -12.02
N MET A 292 1.87 -4.87 -11.95
CA MET A 292 0.91 -5.27 -10.92
C MET A 292 0.35 -6.65 -11.12
N ALA A 293 0.45 -7.19 -12.35
CA ALA A 293 0.01 -8.58 -12.64
C ALA A 293 0.98 -9.64 -12.04
N PHE A 294 2.12 -9.19 -11.50
CA PHE A 294 3.14 -10.07 -11.01
C PHE A 294 2.63 -11.01 -9.88
N ILE A 295 1.84 -10.48 -8.94
CA ILE A 295 1.23 -11.33 -7.93
C ILE A 295 0.40 -12.49 -8.54
N PRO A 296 -0.62 -12.22 -9.34
CA PRO A 296 -1.41 -13.37 -9.84
C PRO A 296 -0.65 -14.20 -10.86
N LEU A 297 0.23 -13.61 -11.67
CA LEU A 297 0.86 -14.40 -12.71
C LEU A 297 1.99 -15.23 -12.18
N ARG A 298 2.73 -14.74 -11.20
CA ARG A 298 3.98 -15.37 -10.81
CA ARG A 298 3.96 -15.41 -10.83
C ARG A 298 3.95 -15.87 -9.37
N VAL A 299 3.44 -15.04 -8.46
CA VAL A 299 3.50 -15.43 -7.05
C VAL A 299 2.52 -16.58 -6.68
N ILE A 300 1.29 -16.45 -7.14
CA ILE A 300 0.29 -17.42 -6.85
C ILE A 300 0.74 -18.83 -7.37
N PRO A 301 1.18 -18.93 -8.65
CA PRO A 301 1.64 -20.29 -9.13
C PRO A 301 2.83 -20.78 -8.39
N PHE A 302 3.75 -19.90 -7.99
CA PHE A 302 4.91 -20.31 -7.21
C PHE A 302 4.51 -20.90 -5.87
N LEU A 303 3.53 -20.27 -5.21
CA LEU A 303 3.11 -20.76 -3.90
C LEU A 303 2.30 -22.06 -4.05
N ARG A 304 1.49 -22.20 -5.08
CA ARG A 304 0.76 -23.46 -5.33
C ARG A 304 1.74 -24.57 -5.56
N GLU A 305 2.75 -24.33 -6.36
CA GLU A 305 3.80 -25.32 -6.56
C GLU A 305 4.52 -25.66 -5.22
N LYS A 306 4.67 -24.72 -4.29
CA LYS A 306 5.26 -25.08 -3.00
C LYS A 306 4.27 -25.69 -2.03
N GLY A 307 3.05 -25.98 -2.45
CA GLY A 307 2.14 -26.73 -1.58
C GLY A 307 1.03 -25.90 -0.96
N VAL A 308 0.94 -24.58 -1.26
CA VAL A 308 -0.18 -23.77 -0.71
C VAL A 308 -1.38 -24.00 -1.60
N SER A 309 -2.52 -24.21 -0.97
CA SER A 309 -3.73 -24.47 -1.65
C SER A 309 -4.29 -23.21 -2.26
N ASN A 310 -5.12 -23.48 -3.24
CA ASN A 310 -5.84 -22.50 -4.01
C ASN A 310 -6.80 -21.78 -3.04
N GLU A 311 -7.47 -22.52 -2.18
CA GLU A 311 -8.40 -21.92 -1.25
C GLU A 311 -7.67 -20.93 -0.28
N THR A 312 -6.50 -21.30 0.18
CA THR A 312 -5.76 -20.48 1.10
C THR A 312 -5.34 -19.14 0.42
N LEU A 313 -4.94 -19.27 -0.84
CA LEU A 313 -4.53 -18.13 -1.65
C LEU A 313 -5.65 -17.19 -1.98
N ALA A 314 -6.83 -17.76 -2.25
CA ALA A 314 -8.02 -16.96 -2.38
C ALA A 314 -8.41 -16.28 -1.07
N GLY A 315 -8.23 -16.95 0.06
CA GLY A 315 -8.51 -16.27 1.30
C GLY A 315 -7.59 -15.06 1.52
N ILE A 316 -6.31 -15.21 1.14
CA ILE A 316 -5.33 -14.12 1.29
C ILE A 316 -5.58 -12.93 0.35
N THR A 317 -5.96 -13.21 -0.89
CA THR A 317 -6.13 -12.17 -1.93
C THR A 317 -7.53 -11.61 -2.07
N VAL A 318 -8.54 -12.26 -1.48
CA VAL A 318 -9.93 -11.78 -1.57
C VAL A 318 -10.52 -11.54 -0.18
N THR A 319 -10.52 -12.56 0.69
CA THR A 319 -11.15 -12.42 2.00
C THR A 319 -10.38 -11.43 2.92
N ASN A 320 -9.06 -11.53 3.02
CA ASN A 320 -8.31 -10.69 3.99
C ASN A 320 -8.43 -9.24 3.60
N PRO A 321 -8.23 -8.92 2.30
CA PRO A 321 -8.44 -7.48 1.95
C PRO A 321 -9.84 -6.93 2.23
N ALA A 322 -10.87 -7.70 1.92
CA ALA A 322 -12.27 -7.29 2.26
C ALA A 322 -12.49 -7.08 3.78
N ARG A 323 -11.97 -8.01 4.57
CA ARG A 323 -12.10 -7.87 5.98
C ARG A 323 -11.29 -6.60 6.49
N PHE A 324 -10.09 -6.37 5.95
CA PHE A 324 -9.27 -5.24 6.34
C PHE A 324 -9.95 -3.91 5.95
N LEU A 325 -10.44 -3.83 4.71
CA LEU A 325 -10.95 -2.58 4.12
C LEU A 325 -12.33 -2.19 4.61
N SER A 326 -13.20 -3.17 4.87
N SER A 326 -13.22 -3.16 4.84
CA SER A 326 -14.53 -2.93 5.42
CA SER A 326 -14.58 -2.82 5.28
C SER A 326 -14.45 -2.06 6.70
C SER A 326 -14.54 -2.09 6.63
N PRO A 327 -15.09 -0.88 6.70
CA PRO A 327 -14.96 -0.05 7.93
C PRO A 327 -15.57 -0.68 9.15
N THR A 328 -14.85 -0.66 10.26
CA THR A 328 -15.28 -1.21 11.54
C THR A 328 -14.22 -0.83 12.61
N LEU A 329 -14.57 -0.79 13.89
CA LEU A 329 -13.54 -0.63 14.96
C LEU A 329 -12.67 -1.89 15.29
N ARG A 330 -13.20 -3.08 15.01
CA ARG A 330 -12.64 -4.35 15.52
C ARG A 330 -12.95 -5.43 14.42
N ALA A 331 -11.98 -5.78 13.56
CA ALA A 331 -12.33 -6.67 12.41
C ALA A 331 -12.26 -8.19 12.71
C FMT B . 3.90 3.75 0.97
O1 FMT B . 3.97 3.65 -0.30
O2 FMT B . 4.84 3.29 1.73
ZN ZN C . 4.30 2.13 -1.61
ZN ZN D . 6.68 2.66 1.44
N1 IMD E . 7.21 3.25 -1.35
C2 IMD E . 6.56 4.22 -2.09
N3 IMD E . 7.25 4.34 -3.23
C4 IMD E . 8.33 3.43 -3.22
C5 IMD E . 8.32 2.79 -2.00
C1 GOL F . -17.28 18.74 -2.18
O1 GOL F . -17.44 17.37 -2.50
C2 GOL F . -15.78 18.84 -1.94
O2 GOL F . -15.24 20.15 -1.68
C3 GOL F . -15.23 17.85 -0.90
O3 GOL F . -14.15 17.20 -1.61
C1 GOL G . -3.47 17.27 -7.78
O1 GOL G . -4.75 17.07 -7.22
C2 GOL G . -2.53 17.75 -6.69
O2 GOL G . -1.81 18.94 -7.07
C3 GOL G . -1.66 16.50 -6.45
O3 GOL G . -0.59 16.79 -5.56
C1 GOL H . 10.13 14.73 10.46
O1 GOL H . 9.03 14.01 9.91
C2 GOL H . 9.75 15.84 11.43
O2 GOL H . 9.56 17.13 10.99
C3 GOL H . 10.65 16.14 12.54
O3 GOL H . 9.84 15.81 13.69
C1 GOL I . -3.85 17.59 -20.43
O1 GOL I . -3.70 17.91 -19.03
C2 GOL I . -3.17 16.23 -20.68
O2 GOL I . -4.15 15.30 -21.03
C3 GOL I . -2.10 16.17 -21.79
O3 GOL I . -1.02 15.22 -21.57
S SO4 J . 13.11 -15.58 -12.13
O1 SO4 J . 11.98 -16.54 -12.24
O2 SO4 J . 14.00 -15.96 -11.00
O3 SO4 J . 13.98 -15.55 -13.29
O4 SO4 J . 12.44 -14.27 -12.08
S SO4 K . -12.77 -14.73 7.63
O1 SO4 K . -12.81 -15.02 9.11
O2 SO4 K . -13.91 -15.43 6.94
O3 SO4 K . -13.02 -13.24 7.38
O4 SO4 K . -11.45 -15.19 7.07
ZN ZN L . -3.41 -5.05 22.15
ZN ZN M . 14.96 -3.65 0.77
CAC E8N N . -3.99 -24.97 2.48
CAB E8N N . -2.97 -26.85 5.25
CAA E8N N . -4.68 -25.25 7.10
CAD E8N N . -3.55 -24.59 6.28
CAF E8N N . -4.39 -25.14 3.88
CAE E8N N . -2.93 -23.91 2.33
CAH E8N N . -1.69 -24.39 2.91
CAG E8N N . -1.83 -24.68 4.46
CAI E8N N . -3.19 -25.33 4.93
S SO4 O . 3.07 -0.34 -20.95
O1 SO4 O . 2.63 -1.29 -22.04
O2 SO4 O . 2.15 -0.41 -19.75
O3 SO4 O . 2.84 1.03 -21.45
O4 SO4 O . 4.50 -0.56 -20.60
#